data_7A1M
#
_entry.id   7A1M
#
_cell.length_a   85.954
_cell.length_b   85.954
_cell.length_c   148.957
_cell.angle_alpha   90.000
_cell.angle_beta   90.000
_cell.angle_gamma   90.000
#
_symmetry.space_group_name_H-M   'P 41 21 2'
#
loop_
_entity.id
_entity.type
_entity.pdbx_description
1 polymer 'Hypoxia-inducible factor 1-alpha inhibitor'
2 non-polymer 'ZINC ION'
3 non-polymer 3-propyl-2-oxoglutarate
4 non-polymer 'SULFATE ION'
5 water water
#
_entity_poly.entity_id   1
_entity_poly.type   'polypeptide(L)'
_entity_poly.pdbx_seq_one_letter_code
;MAATAAEAVASGSGEPREEAGALGPAWDESQLRSYSFPTRPIPRLSQSDPRAEELIENEEPVVLTDTNLVYPALKWDLEY
LQENIGNGDFSVYSASTHKFLYYDEKKMANFQNFKPRSNREEMKFHEFVEKLQDIQQRGGEERLYLQQTLNDTVGRKIVM
DFLGFNWNWINKQQGKRGWGQLTSNLLLIGMEGNVTPAHYDEQQNFFAQIKGYKRCILFPPDQFECLYPYPVHHPCDRQS
QVDFDNPDYERFPNFQNVVGYETVVGPGDVLYIPMYWWHHIESLLNGGITITVNFWYKGAPTPKRIEYPLKAHQKVAIMR
NIEKMLGEALGNPQEVGPLLNTMIKGRYN
;
_entity_poly.pdbx_strand_id   A
#
# COMPACT_ATOMS: atom_id res chain seq x y z
N GLU A 15 -6.19 -9.30 18.76
CA GLU A 15 -5.50 -8.72 19.90
C GLU A 15 -3.98 -8.76 19.69
N PRO A 16 -3.23 -8.07 20.54
CA PRO A 16 -1.78 -7.97 20.33
C PRO A 16 -1.07 -9.28 20.65
N ARG A 17 -0.06 -9.59 19.83
CA ARG A 17 0.79 -10.74 20.09
C ARG A 17 1.87 -10.40 21.11
N GLU A 18 2.40 -11.43 21.76
CA GLU A 18 3.37 -11.29 22.84
C GLU A 18 4.75 -11.67 22.33
N GLU A 19 5.72 -10.80 22.57
CA GLU A 19 7.09 -11.06 22.13
C GLU A 19 7.69 -12.22 22.91
N ALA A 20 8.57 -12.96 22.24
CA ALA A 20 9.27 -14.06 22.89
C ALA A 20 10.18 -13.54 23.99
N GLY A 21 10.47 -14.41 24.96
CA GLY A 21 11.27 -14.01 26.10
C GLY A 21 10.55 -13.17 27.11
N ALA A 22 9.22 -13.23 27.15
CA ALA A 22 8.42 -12.48 28.12
C ALA A 22 8.71 -10.98 28.06
N LEU A 23 9.02 -10.47 26.87
CA LEU A 23 9.31 -9.05 26.68
C LEU A 23 8.06 -8.20 26.54
N GLY A 24 6.91 -8.73 26.93
CA GLY A 24 5.69 -7.96 26.95
C GLY A 24 5.04 -7.86 25.59
N PRO A 25 3.87 -7.23 25.54
CA PRO A 25 3.20 -7.04 24.24
C PRO A 25 3.99 -6.08 23.36
N ALA A 26 4.19 -6.49 22.10
CA ALA A 26 4.96 -5.66 21.18
C ALA A 26 4.25 -4.34 20.90
N TRP A 27 2.93 -4.31 21.04
CA TRP A 27 2.17 -3.08 20.87
C TRP A 27 0.88 -3.22 21.67
N ASP A 28 0.19 -2.11 21.86
CA ASP A 28 -1.09 -2.12 22.56
C ASP A 28 -2.08 -1.24 21.82
N GLU A 29 -3.35 -1.45 22.12
CA GLU A 29 -4.41 -0.86 21.30
C GLU A 29 -4.36 0.66 21.29
N SER A 30 -3.73 1.30 22.28
CA SER A 30 -3.66 2.75 22.31
C SER A 30 -2.85 3.33 21.16
N GLN A 31 -2.08 2.52 20.46
CA GLN A 31 -1.25 2.99 19.36
C GLN A 31 -1.98 2.99 18.02
N LEU A 32 -3.24 2.56 18.01
CA LEU A 32 -4.03 2.51 16.79
C LEU A 32 -4.91 3.74 16.68
N ARG A 33 -4.95 4.34 15.50
CA ARG A 33 -5.88 5.44 15.26
C ARG A 33 -7.31 4.90 15.26
N SER A 34 -8.25 5.80 15.55
CA SER A 34 -9.65 5.45 15.65
C SER A 34 -10.37 5.83 14.37
N TYR A 35 -11.18 4.91 13.85
CA TYR A 35 -11.96 5.12 12.64
C TYR A 35 -13.40 4.70 12.86
N SER A 36 -14.23 5.00 11.86
CA SER A 36 -15.68 4.90 11.97
C SER A 36 -16.25 3.54 11.61
N PHE A 37 -15.46 2.65 11.04
CA PHE A 37 -15.98 1.40 10.50
C PHE A 37 -15.51 0.21 11.33
N PRO A 38 -16.25 -0.89 11.28
CA PRO A 38 -15.79 -2.11 11.96
C PRO A 38 -14.77 -2.86 11.11
N THR A 39 -14.12 -3.83 11.75
CA THR A 39 -13.17 -4.68 11.06
C THR A 39 -13.24 -6.08 11.67
N ARG A 40 -12.65 -7.04 10.97
CA ARG A 40 -12.38 -8.36 11.54
C ARG A 40 -10.98 -8.78 11.12
N PRO A 41 -10.34 -9.64 11.90
CA PRO A 41 -8.89 -9.84 11.72
C PRO A 41 -8.55 -10.66 10.47
N ILE A 42 -7.45 -10.28 9.85
CA ILE A 42 -6.85 -11.09 8.79
C ILE A 42 -6.21 -12.32 9.43
N PRO A 43 -6.34 -13.50 8.85
CA PRO A 43 -5.71 -14.69 9.45
C PRO A 43 -4.18 -14.58 9.44
N ARG A 44 -3.57 -14.97 10.55
CA ARG A 44 -2.12 -15.09 10.68
C ARG A 44 -1.78 -16.58 10.70
N LEU A 45 -1.10 -17.05 9.66
CA LEU A 45 -0.89 -18.48 9.46
C LEU A 45 0.56 -18.77 9.09
N SER A 46 0.91 -20.05 9.20
CA SER A 46 2.22 -20.52 8.79
C SER A 46 2.24 -20.75 7.28
N GLN A 47 3.41 -20.45 6.67
CA GLN A 47 3.62 -20.71 5.25
C GLN A 47 3.25 -22.14 4.87
N SER A 48 3.38 -23.07 5.81
CA SER A 48 3.09 -24.48 5.57
C SER A 48 1.63 -24.85 5.77
N ASP A 49 0.81 -23.91 6.24
CA ASP A 49 -0.59 -24.20 6.50
C ASP A 49 -1.35 -24.25 5.19
N PRO A 50 -2.03 -25.37 4.87
CA PRO A 50 -2.78 -25.41 3.59
C PRO A 50 -3.81 -24.31 3.49
N ARG A 51 -4.37 -23.86 4.61
N ARG A 51 -4.37 -23.86 4.61
CA ARG A 51 -5.33 -22.77 4.56
CA ARG A 51 -5.33 -22.76 4.56
C ARG A 51 -4.69 -21.48 4.06
C ARG A 51 -4.69 -21.49 4.04
N ALA A 52 -3.39 -21.31 4.26
CA ALA A 52 -2.71 -20.13 3.75
C ALA A 52 -2.58 -20.19 2.24
N GLU A 53 -2.28 -21.39 1.71
CA GLU A 53 -2.19 -21.54 0.27
C GLU A 53 -3.55 -21.33 -0.39
N GLU A 54 -4.62 -21.82 0.23
CA GLU A 54 -5.95 -21.66 -0.36
C GLU A 54 -6.39 -20.20 -0.36
N LEU A 55 -6.01 -19.44 0.67
CA LEU A 55 -6.33 -18.01 0.68
C LEU A 55 -5.63 -17.28 -0.46
N ILE A 56 -4.31 -17.49 -0.60
CA ILE A 56 -3.58 -16.85 -1.69
C ILE A 56 -4.17 -17.26 -3.03
N GLU A 57 -4.49 -18.56 -3.18
CA GLU A 57 -5.07 -19.04 -4.42
C GLU A 57 -6.38 -18.34 -4.73
N ASN A 58 -7.21 -18.11 -3.72
CA ASN A 58 -8.49 -17.43 -3.87
C ASN A 58 -8.34 -15.91 -3.78
N GLU A 59 -7.12 -15.39 -3.82
CA GLU A 59 -6.86 -13.96 -3.82
C GLU A 59 -7.54 -13.28 -2.63
N GLU A 60 -7.34 -13.85 -1.45
CA GLU A 60 -7.75 -13.25 -0.19
C GLU A 60 -6.52 -13.00 0.68
N PRO A 61 -6.53 -11.94 1.48
CA PRO A 61 -5.32 -11.59 2.24
C PRO A 61 -5.03 -12.59 3.34
N VAL A 62 -3.75 -12.70 3.67
CA VAL A 62 -3.29 -13.58 4.74
C VAL A 62 -1.93 -13.08 5.21
N VAL A 63 -1.72 -13.09 6.52
CA VAL A 63 -0.42 -12.77 7.10
C VAL A 63 0.33 -14.09 7.32
N LEU A 64 1.48 -14.22 6.66
CA LEU A 64 2.36 -15.37 6.82
C LEU A 64 3.43 -14.99 7.82
N THR A 65 3.59 -15.81 8.87
CA THR A 65 4.45 -15.44 9.99
C THR A 65 5.86 -16.00 9.89
N ASP A 66 6.13 -16.93 8.97
CA ASP A 66 7.37 -17.69 9.01
C ASP A 66 7.88 -18.00 7.61
N THR A 67 7.87 -17.00 6.73
CA THR A 67 8.41 -17.20 5.39
C THR A 67 9.92 -17.02 5.32
N ASN A 68 10.50 -16.29 6.27
CA ASN A 68 11.91 -15.87 6.20
C ASN A 68 12.17 -15.13 4.90
N LEU A 69 11.14 -14.50 4.33
CA LEU A 69 11.28 -13.86 3.03
C LEU A 69 12.41 -12.84 3.03
N VAL A 70 12.48 -12.01 4.07
CA VAL A 70 13.49 -10.97 4.15
C VAL A 70 14.26 -11.15 5.45
N TYR A 71 14.51 -12.41 5.82
CA TYR A 71 15.29 -12.68 7.02
C TYR A 71 16.59 -11.89 7.09
N PRO A 72 17.39 -11.78 6.02
CA PRO A 72 18.64 -11.00 6.15
C PRO A 72 18.42 -9.53 6.44
N ALA A 73 17.25 -8.98 6.10
CA ALA A 73 16.99 -7.57 6.29
C ALA A 73 16.45 -7.23 7.68
N LEU A 74 16.19 -8.24 8.52
CA LEU A 74 15.66 -7.95 9.84
C LEU A 74 16.68 -7.20 10.69
N LYS A 75 17.97 -7.36 10.42
CA LYS A 75 18.99 -6.60 11.12
C LYS A 75 19.04 -5.14 10.67
N TRP A 76 18.34 -4.78 9.60
CA TRP A 76 18.43 -3.43 9.08
C TRP A 76 17.98 -2.40 10.10
N ASP A 77 18.75 -1.33 10.22
CA ASP A 77 18.33 -0.10 10.86
C ASP A 77 18.98 1.05 10.11
N LEU A 78 18.71 2.28 10.55
CA LEU A 78 19.21 3.44 9.82
C LEU A 78 20.74 3.44 9.76
N GLU A 79 21.39 3.14 10.90
CA GLU A 79 22.85 3.12 10.90
C GLU A 79 23.39 2.14 9.87
N TYR A 80 22.89 0.91 9.88
CA TYR A 80 23.36 -0.11 8.94
C TYR A 80 23.11 0.32 7.50
N LEU A 81 21.91 0.82 7.22
CA LEU A 81 21.56 1.18 5.85
C LEU A 81 22.43 2.33 5.35
N GLN A 82 22.59 3.37 6.19
CA GLN A 82 23.36 4.53 5.76
C GLN A 82 24.77 4.13 5.33
N GLU A 83 25.35 3.15 6.02
CA GLU A 83 26.71 2.73 5.72
C GLU A 83 26.81 1.89 4.46
N ASN A 84 25.73 1.19 4.08
CA ASN A 84 25.83 0.18 3.04
C ASN A 84 24.90 0.38 1.86
N ILE A 85 23.84 1.18 1.98
CA ILE A 85 22.87 1.31 0.89
C ILE A 85 23.40 2.12 -0.28
N GLY A 86 24.63 2.62 -0.20
CA GLY A 86 25.22 3.32 -1.32
C GLY A 86 24.95 4.80 -1.31
N ASN A 87 25.25 5.43 -2.44
CA ASN A 87 25.11 6.87 -2.62
C ASN A 87 24.16 7.20 -3.76
N GLY A 88 23.12 6.38 -3.93
CA GLY A 88 22.10 6.69 -4.89
C GLY A 88 21.12 7.72 -4.36
N ASP A 89 20.22 8.16 -5.24
CA ASP A 89 19.18 9.10 -4.86
C ASP A 89 17.99 8.34 -4.28
N PHE A 90 17.40 8.90 -3.23
CA PHE A 90 16.23 8.32 -2.58
C PHE A 90 15.11 9.34 -2.57
N SER A 91 13.91 8.90 -2.95
CA SER A 91 12.73 9.77 -2.92
C SER A 91 12.21 9.84 -1.48
N VAL A 92 12.20 11.05 -0.92
CA VAL A 92 11.69 11.30 0.42
C VAL A 92 10.55 12.30 0.32
N TYR A 93 9.41 11.96 0.91
CA TYR A 93 8.24 12.83 0.93
C TYR A 93 8.13 13.52 2.27
N SER A 94 7.71 14.79 2.23
CA SER A 94 7.47 15.58 3.43
C SER A 94 6.03 16.04 3.45
N ALA A 95 5.46 16.15 4.65
CA ALA A 95 4.09 16.60 4.80
C ALA A 95 3.90 17.16 6.19
N SER A 96 3.02 18.15 6.30
CA SER A 96 2.63 18.70 7.60
C SER A 96 1.55 17.86 8.28
N THR A 97 0.97 16.89 7.57
CA THR A 97 -0.03 16.00 8.12
C THR A 97 0.51 14.57 8.14
N HIS A 98 -0.16 13.72 8.91
CA HIS A 98 0.22 12.31 8.97
C HIS A 98 -0.14 11.56 7.70
N LYS A 99 -1.00 12.12 6.86
CA LYS A 99 -1.48 11.45 5.66
C LYS A 99 -0.54 11.74 4.49
N PHE A 100 -0.01 10.68 3.89
CA PHE A 100 0.87 10.79 2.73
C PHE A 100 0.13 10.31 1.48
N LEU A 101 -0.85 11.11 1.05
CA LEU A 101 -1.65 10.75 -0.12
C LEU A 101 -0.77 10.70 -1.36
N TYR A 102 -0.79 9.55 -2.05
CA TYR A 102 -0.03 9.38 -3.27
C TYR A 102 -0.67 10.12 -4.42
N TYR A 103 0.16 10.69 -5.30
CA TYR A 103 -0.31 11.38 -6.49
C TYR A 103 0.63 11.12 -7.66
N ASP A 104 0.04 10.89 -8.83
CA ASP A 104 0.80 10.65 -10.06
C ASP A 104 1.19 11.99 -10.67
N GLU A 105 2.50 12.24 -10.79
CA GLU A 105 2.95 13.50 -11.35
C GLU A 105 2.68 13.58 -12.84
N LYS A 106 2.70 12.45 -13.54
CA LYS A 106 2.42 12.47 -14.98
C LYS A 106 0.99 12.93 -15.26
N LYS A 107 0.05 12.63 -14.36
CA LYS A 107 -1.33 13.05 -14.50
C LYS A 107 -1.59 14.46 -13.97
N MET A 108 -0.60 15.10 -13.34
CA MET A 108 -0.81 16.43 -12.78
C MET A 108 -1.07 17.49 -13.84
N ALA A 109 -0.87 17.16 -15.13
CA ALA A 109 -1.22 18.10 -16.19
C ALA A 109 -2.72 18.15 -16.43
N ASN A 110 -3.41 17.01 -16.29
CA ASN A 110 -4.85 16.98 -16.52
C ASN A 110 -5.61 17.81 -15.50
N PHE A 111 -5.08 17.94 -14.28
CA PHE A 111 -5.74 18.67 -13.19
C PHE A 111 -4.74 19.70 -12.66
N GLN A 112 -4.64 20.84 -13.35
CA GLN A 112 -3.74 21.90 -12.93
C GLN A 112 -4.22 22.62 -11.66
N ASN A 113 -5.38 22.24 -11.11
CA ASN A 113 -5.86 22.79 -9.85
C ASN A 113 -5.55 21.90 -8.65
N PHE A 114 -4.89 20.77 -8.87
CA PHE A 114 -4.48 19.90 -7.77
C PHE A 114 -3.12 20.35 -7.26
N LYS A 115 -3.06 20.71 -5.98
CA LYS A 115 -1.81 21.08 -5.31
C LYS A 115 -1.53 20.05 -4.24
N PRO A 116 -0.50 19.21 -4.38
CA PRO A 116 -0.31 18.15 -3.39
C PRO A 116 -0.01 18.70 -2.00
N ARG A 117 -0.34 17.90 -0.99
CA ARG A 117 0.02 18.21 0.39
C ARG A 117 1.39 17.65 0.76
N SER A 118 1.81 16.56 0.13
CA SER A 118 3.16 16.03 0.32
C SER A 118 4.10 16.63 -0.72
N ASN A 119 5.32 16.96 -0.29
CA ASN A 119 6.36 17.45 -1.17
C ASN A 119 7.45 16.38 -1.28
N ARG A 120 7.82 16.04 -2.51
CA ARG A 120 8.87 15.06 -2.76
C ARG A 120 10.21 15.77 -2.90
N GLU A 121 11.22 15.26 -2.21
CA GLU A 121 12.59 15.75 -2.33
C GLU A 121 13.50 14.56 -2.60
N GLU A 122 14.39 14.71 -3.57
CA GLU A 122 15.36 13.67 -3.92
C GLU A 122 16.66 13.97 -3.19
N MET A 123 17.10 13.05 -2.33
CA MET A 123 18.26 13.29 -1.49
C MET A 123 19.05 12.00 -1.30
N LYS A 124 20.23 12.15 -0.70
CA LYS A 124 21.06 11.02 -0.35
C LYS A 124 20.61 10.44 0.99
N PHE A 125 20.93 9.16 1.22
CA PHE A 125 20.43 8.49 2.40
C PHE A 125 20.92 9.17 3.67
N HIS A 126 22.18 9.59 3.71
CA HIS A 126 22.69 10.28 4.89
C HIS A 126 21.98 11.62 5.08
N GLU A 127 21.53 12.25 3.99
CA GLU A 127 20.73 13.46 4.11
C GLU A 127 19.36 13.15 4.69
N PHE A 128 18.77 12.01 4.31
CA PHE A 128 17.49 11.60 4.89
C PHE A 128 17.64 11.37 6.39
N VAL A 129 18.72 10.69 6.80
CA VAL A 129 18.93 10.44 8.23
C VAL A 129 19.12 11.75 8.97
N GLU A 130 19.90 12.67 8.41
CA GLU A 130 20.19 13.92 9.09
C GLU A 130 18.92 14.77 9.24
N LYS A 131 18.20 14.99 8.14
CA LYS A 131 16.96 15.75 8.22
C LYS A 131 15.99 15.14 9.22
N LEU A 132 15.99 13.81 9.34
CA LEU A 132 15.20 13.17 10.38
C LEU A 132 15.77 13.46 11.77
N GLN A 133 17.09 13.50 11.89
CA GLN A 133 17.70 13.82 13.17
C GLN A 133 17.36 15.26 13.59
N ASP A 134 17.50 16.21 12.67
N ASP A 134 17.49 16.22 12.67
CA ASP A 134 17.18 17.60 12.98
CA ASP A 134 17.18 17.60 12.99
C ASP A 134 15.76 17.72 13.50
C ASP A 134 15.75 17.73 13.51
N ILE A 135 14.79 17.13 12.80
CA ILE A 135 13.40 17.17 13.23
C ILE A 135 13.29 16.65 14.65
N GLN A 136 13.85 15.46 14.90
CA GLN A 136 13.81 14.90 16.25
C GLN A 136 14.49 15.81 17.25
N GLN A 137 15.62 16.43 16.86
CA GLN A 137 16.34 17.28 17.79
C GLN A 137 15.53 18.50 18.17
N ARG A 138 14.96 19.20 17.19
CA ARG A 138 14.18 20.40 17.44
C ARG A 138 12.73 20.11 17.78
N GLY A 139 12.37 18.84 17.97
CA GLY A 139 11.00 18.51 18.34
C GLY A 139 9.95 18.95 17.34
N GLY A 140 10.34 19.20 16.10
CA GLY A 140 9.38 19.65 15.11
C GLY A 140 8.29 18.62 14.85
N GLU A 141 7.26 19.08 14.14
CA GLU A 141 6.12 18.24 13.79
C GLU A 141 6.10 17.84 12.32
N GLU A 142 7.09 18.24 11.54
CA GLU A 142 7.21 17.79 10.16
C GLU A 142 7.38 16.28 10.10
N ARG A 143 6.85 15.66 9.05
CA ARG A 143 6.90 14.22 8.86
C ARG A 143 7.55 13.88 7.53
N LEU A 144 8.27 12.75 7.52
CA LEU A 144 8.96 12.27 6.34
C LEU A 144 8.61 10.82 6.07
N TYR A 145 8.61 10.44 4.79
CA TYR A 145 8.38 9.06 4.37
C TYR A 145 9.30 8.76 3.20
N LEU A 146 10.26 7.87 3.42
CA LEU A 146 11.18 7.46 2.36
C LEU A 146 10.58 6.28 1.60
N GLN A 147 10.35 6.47 0.31
CA GLN A 147 9.77 5.45 -0.56
C GLN A 147 10.63 5.42 -1.81
N GLN A 148 11.48 4.40 -1.93
CA GLN A 148 12.46 4.35 -3.01
C GLN A 148 12.61 2.91 -3.51
N THR A 149 12.53 2.75 -4.83
CA THR A 149 12.71 1.45 -5.44
C THR A 149 14.17 1.01 -5.31
N LEU A 150 14.37 -0.21 -4.81
CA LEU A 150 15.71 -0.78 -4.76
C LEU A 150 16.23 -1.00 -6.18
N ASN A 151 17.49 -0.63 -6.42
CA ASN A 151 18.07 -0.71 -7.75
C ASN A 151 19.56 -1.04 -7.63
N ASP A 152 20.28 -0.93 -8.75
CA ASP A 152 21.66 -1.38 -8.82
C ASP A 152 22.59 -0.59 -7.92
N THR A 153 22.24 0.65 -7.57
CA THR A 153 23.17 1.54 -6.90
C THR A 153 23.49 1.12 -5.48
N VAL A 154 22.80 0.11 -4.93
CA VAL A 154 22.98 -0.25 -3.53
C VAL A 154 24.35 -0.90 -3.33
N GLY A 155 24.87 -0.80 -2.10
CA GLY A 155 26.19 -1.30 -1.80
C GLY A 155 26.25 -2.81 -1.66
N ARG A 156 27.48 -3.31 -1.56
CA ARG A 156 27.73 -4.74 -1.64
C ARG A 156 27.01 -5.50 -0.52
N LYS A 157 26.95 -4.93 0.68
CA LYS A 157 26.32 -5.65 1.78
C LYS A 157 24.81 -5.71 1.62
N ILE A 158 24.19 -4.67 1.04
CA ILE A 158 22.76 -4.73 0.77
C ILE A 158 22.49 -5.77 -0.33
N VAL A 159 23.34 -5.81 -1.34
CA VAL A 159 23.20 -6.83 -2.38
C VAL A 159 23.21 -8.22 -1.75
N MET A 160 24.16 -8.45 -0.84
CA MET A 160 24.23 -9.74 -0.14
C MET A 160 22.94 -10.03 0.61
N ASP A 161 22.42 -9.03 1.33
CA ASP A 161 21.15 -9.21 2.02
C ASP A 161 20.02 -9.50 1.03
N PHE A 162 19.93 -8.71 -0.03
CA PHE A 162 18.90 -8.91 -1.04
C PHE A 162 18.94 -10.32 -1.59
N LEU A 163 20.12 -10.80 -1.98
CA LEU A 163 20.26 -12.16 -2.47
C LEU A 163 19.85 -13.19 -1.43
N GLY A 164 19.91 -12.84 -0.16
CA GLY A 164 19.52 -13.74 0.90
C GLY A 164 18.05 -13.83 1.18
N PHE A 165 17.23 -13.01 0.52
CA PHE A 165 15.80 -13.19 0.66
C PHE A 165 15.43 -14.60 0.22
N ASN A 166 14.24 -15.05 0.61
CA ASN A 166 13.81 -16.41 0.33
C ASN A 166 13.16 -16.47 -1.05
N TRP A 167 14.01 -16.36 -2.08
CA TRP A 167 13.53 -16.41 -3.45
C TRP A 167 12.98 -17.78 -3.81
N ASN A 168 13.44 -18.84 -3.12
CA ASN A 168 12.88 -20.16 -3.36
C ASN A 168 11.39 -20.19 -3.06
N TRP A 169 10.97 -19.56 -1.96
CA TRP A 169 9.57 -19.59 -1.57
C TRP A 169 8.72 -18.68 -2.44
N ILE A 170 9.17 -17.44 -2.67
CA ILE A 170 8.33 -16.48 -3.39
C ILE A 170 8.30 -16.82 -4.87
N ASN A 171 9.40 -17.34 -5.43
CA ASN A 171 9.39 -17.74 -6.83
C ASN A 171 8.42 -18.89 -7.07
N LYS A 172 8.27 -19.79 -6.09
CA LYS A 172 7.26 -20.84 -6.21
C LYS A 172 5.87 -20.25 -6.14
N GLN A 173 5.65 -19.28 -5.24
CA GLN A 173 4.36 -18.58 -5.21
C GLN A 173 4.07 -17.96 -6.57
N GLN A 174 5.04 -17.25 -7.13
CA GLN A 174 4.85 -16.64 -8.45
C GLN A 174 4.46 -17.70 -9.48
N GLY A 175 5.12 -18.85 -9.46
CA GLY A 175 4.79 -19.90 -10.42
C GLY A 175 3.43 -20.51 -10.16
N LYS A 176 3.15 -20.86 -8.91
CA LYS A 176 1.89 -21.51 -8.59
C LYS A 176 0.70 -20.66 -9.00
N ARG A 177 0.77 -19.34 -8.77
CA ARG A 177 -0.33 -18.45 -9.08
C ARG A 177 -0.30 -17.93 -10.52
N GLY A 178 0.66 -18.36 -11.33
CA GLY A 178 0.73 -17.91 -12.70
C GLY A 178 1.00 -16.43 -12.87
N TRP A 179 1.52 -15.77 -11.85
CA TRP A 179 1.76 -14.34 -11.92
C TRP A 179 2.81 -14.03 -12.99
N GLY A 180 2.89 -12.75 -13.33
CA GLY A 180 3.96 -12.24 -14.17
C GLY A 180 5.24 -12.05 -13.37
N GLN A 181 6.17 -11.30 -13.94
CA GLN A 181 7.47 -11.14 -13.34
C GLN A 181 7.41 -10.16 -12.17
N LEU A 182 8.42 -10.27 -11.30
CA LEU A 182 8.60 -9.29 -10.24
C LEU A 182 8.77 -7.92 -10.86
N THR A 183 7.93 -6.98 -10.48
CA THR A 183 7.96 -5.64 -11.06
C THR A 183 8.96 -4.74 -10.36
N SER A 184 8.99 -4.77 -9.03
CA SER A 184 9.91 -3.94 -8.28
C SER A 184 9.81 -4.29 -6.82
N ASN A 185 10.86 -3.96 -6.07
CA ASN A 185 10.84 -3.96 -4.62
C ASN A 185 10.91 -2.51 -4.15
N LEU A 186 9.98 -2.11 -3.31
CA LEU A 186 9.95 -0.77 -2.76
C LEU A 186 10.53 -0.81 -1.35
N LEU A 187 11.45 0.09 -1.04
CA LEU A 187 11.96 0.25 0.31
C LEU A 187 11.19 1.38 0.98
N LEU A 188 10.55 1.07 2.11
CA LEU A 188 9.67 2.01 2.80
C LEU A 188 10.20 2.24 4.21
N ILE A 189 10.53 3.50 4.51
CA ILE A 189 10.99 3.90 5.84
C ILE A 189 10.17 5.11 6.24
N GLY A 190 9.31 4.96 7.25
CA GLY A 190 8.45 6.02 7.68
C GLY A 190 8.57 6.29 9.17
N MET A 191 8.07 7.45 9.57
CA MET A 191 8.04 7.82 10.98
C MET A 191 6.79 7.28 11.64
N GLU A 192 6.88 7.06 12.95
CA GLU A 192 5.72 6.66 13.73
C GLU A 192 4.54 7.57 13.42
N GLY A 193 3.36 6.98 13.33
CA GLY A 193 2.15 7.72 13.03
C GLY A 193 1.89 8.00 11.57
N ASN A 194 2.86 7.74 10.69
CA ASN A 194 2.66 7.98 9.26
C ASN A 194 1.56 7.09 8.72
N VAL A 195 0.76 7.63 7.79
CA VAL A 195 -0.36 6.92 7.22
C VAL A 195 -0.29 7.01 5.70
N THR A 196 -0.47 5.87 5.03
CA THR A 196 -0.74 5.85 3.60
C THR A 196 -2.24 5.67 3.42
N PRO A 197 -2.98 6.69 2.95
CA PRO A 197 -4.45 6.56 2.89
C PRO A 197 -4.88 5.39 2.01
N ALA A 198 -6.16 5.05 2.15
CA ALA A 198 -6.70 3.89 1.46
C ALA A 198 -6.57 4.04 -0.05
N HIS A 199 -6.23 2.93 -0.71
CA HIS A 199 -6.02 2.89 -2.15
C HIS A 199 -5.92 1.42 -2.54
N TYR A 200 -5.95 1.17 -3.85
CA TYR A 200 -5.68 -0.17 -4.38
C TYR A 200 -4.58 -0.08 -5.44
N ASP A 201 -3.86 -1.19 -5.60
CA ASP A 201 -2.81 -1.32 -6.60
C ASP A 201 -3.24 -2.36 -7.63
N GLU A 202 -2.77 -2.21 -8.85
CA GLU A 202 -3.14 -3.11 -9.93
C GLU A 202 -2.27 -4.36 -9.98
N GLN A 203 -1.28 -4.48 -9.10
CA GLN A 203 -0.38 -5.63 -9.08
C GLN A 203 -0.54 -6.40 -7.77
N GLN A 204 -0.09 -7.66 -7.81
CA GLN A 204 -0.05 -8.47 -6.59
C GLN A 204 1.11 -8.01 -5.71
N ASN A 205 0.94 -8.17 -4.40
CA ASN A 205 1.89 -7.59 -3.45
C ASN A 205 2.11 -8.51 -2.26
N PHE A 206 3.35 -8.92 -2.06
CA PHE A 206 3.81 -9.49 -0.80
C PHE A 206 4.53 -8.40 -0.03
N PHE A 207 3.99 -8.06 1.14
CA PHE A 207 4.34 -6.88 1.93
C PHE A 207 5.13 -7.38 3.13
N ALA A 208 6.45 -7.20 3.10
CA ALA A 208 7.35 -7.85 4.04
C ALA A 208 7.82 -6.87 5.11
N GLN A 209 7.29 -7.00 6.31
CA GLN A 209 7.65 -6.10 7.42
C GLN A 209 9.01 -6.45 7.99
N ILE A 210 9.79 -5.40 8.28
CA ILE A 210 11.20 -5.57 8.69
C ILE A 210 11.43 -4.96 10.07
N LYS A 211 11.11 -3.68 10.25
CA LYS A 211 11.31 -3.01 11.52
C LYS A 211 10.06 -2.24 11.90
N GLY A 212 9.68 -2.31 13.17
CA GLY A 212 8.50 -1.63 13.64
C GLY A 212 7.23 -2.36 13.24
N TYR A 213 6.11 -1.71 13.52
CA TYR A 213 4.79 -2.31 13.34
C TYR A 213 3.91 -1.41 12.50
N LYS A 214 3.15 -2.04 11.60
CA LYS A 214 2.22 -1.34 10.72
C LYS A 214 0.84 -1.98 10.86
N ARG A 215 -0.17 -1.14 11.05
CA ARG A 215 -1.55 -1.58 11.03
C ARG A 215 -2.05 -1.50 9.59
N CYS A 216 -2.52 -2.63 9.07
CA CYS A 216 -2.98 -2.75 7.70
C CYS A 216 -4.47 -3.05 7.74
N ILE A 217 -5.26 -2.20 7.07
CA ILE A 217 -6.70 -2.37 6.96
C ILE A 217 -7.02 -2.54 5.48
N LEU A 218 -7.57 -3.70 5.13
CA LEU A 218 -7.88 -4.03 3.75
C LEU A 218 -9.40 -4.08 3.55
N PHE A 219 -9.83 -3.73 2.34
CA PHE A 219 -11.23 -3.83 1.94
C PHE A 219 -11.30 -4.54 0.60
N PRO A 220 -12.16 -5.55 0.43
CA PRO A 220 -12.20 -6.31 -0.83
C PRO A 220 -12.54 -5.39 -2.00
N PRO A 221 -12.31 -5.86 -3.23
CA PRO A 221 -12.67 -5.02 -4.40
C PRO A 221 -14.15 -4.77 -4.55
N ASP A 222 -15.02 -5.61 -3.97
CA ASP A 222 -16.45 -5.39 -4.09
C ASP A 222 -16.96 -4.25 -3.22
N GLN A 223 -16.09 -3.57 -2.48
CA GLN A 223 -16.46 -2.37 -1.74
C GLN A 223 -16.05 -1.10 -2.50
N PHE A 224 -15.85 -1.22 -3.81
CA PHE A 224 -15.65 -0.03 -4.66
C PHE A 224 -16.69 1.04 -4.34
N GLU A 225 -17.96 0.65 -4.25
CA GLU A 225 -19.04 1.62 -4.06
C GLU A 225 -18.93 2.39 -2.76
N CYS A 226 -18.24 1.85 -1.75
CA CYS A 226 -18.17 2.50 -0.46
C CYS A 226 -16.96 3.41 -0.30
N LEU A 227 -16.00 3.37 -1.23
CA LEU A 227 -14.71 4.01 -1.03
C LEU A 227 -14.38 5.09 -2.05
N TYR A 228 -15.18 5.25 -3.09
CA TYR A 228 -15.17 6.44 -3.92
C TYR A 228 -13.78 6.86 -4.42
N PRO A 229 -13.13 6.02 -5.23
CA PRO A 229 -11.86 6.42 -5.83
C PRO A 229 -12.03 7.68 -6.67
N TYR A 230 -10.93 8.44 -6.77
CA TYR A 230 -10.85 9.60 -7.65
C TYR A 230 -11.11 9.15 -9.10
N PRO A 231 -11.33 10.08 -10.02
CA PRO A 231 -11.34 9.72 -11.44
C PRO A 231 -10.00 9.11 -11.85
N VAL A 232 -10.05 8.28 -12.89
CA VAL A 232 -8.84 7.61 -13.37
C VAL A 232 -7.80 8.63 -13.84
N HIS A 233 -8.25 9.74 -14.43
CA HIS A 233 -7.32 10.74 -14.94
C HIS A 233 -6.85 11.72 -13.88
N HIS A 234 -7.42 11.66 -12.68
CA HIS A 234 -6.95 12.50 -11.58
C HIS A 234 -5.61 11.96 -11.08
N PRO A 235 -4.73 12.84 -10.59
CA PRO A 235 -3.45 12.34 -10.05
C PRO A 235 -3.61 11.32 -8.95
N CYS A 236 -4.68 11.40 -8.17
CA CYS A 236 -4.91 10.45 -7.09
C CYS A 236 -5.74 9.26 -7.54
N ASP A 237 -5.71 8.95 -8.84
CA ASP A 237 -6.25 7.70 -9.38
C ASP A 237 -5.89 6.53 -8.48
N ARG A 238 -6.91 5.77 -8.09
CA ARG A 238 -6.86 4.55 -7.30
C ARG A 238 -6.88 4.83 -5.80
N GLN A 239 -6.76 6.10 -5.39
CA GLN A 239 -6.88 6.44 -3.98
C GLN A 239 -8.33 6.79 -3.64
N SER A 240 -8.70 6.54 -2.39
CA SER A 240 -10.04 6.87 -1.92
C SER A 240 -10.18 8.37 -1.71
N GLN A 241 -11.34 8.91 -2.09
CA GLN A 241 -11.64 10.30 -1.83
C GLN A 241 -12.10 10.56 -0.40
N VAL A 242 -12.34 9.51 0.37
CA VAL A 242 -12.90 9.66 1.71
C VAL A 242 -11.78 9.99 2.70
N ASP A 243 -11.95 11.07 3.45
CA ASP A 243 -11.08 11.36 4.58
C ASP A 243 -11.46 10.42 5.72
N PHE A 244 -10.62 9.42 5.98
CA PHE A 244 -10.93 8.47 7.04
C PHE A 244 -11.04 9.13 8.40
N ASP A 245 -10.40 10.30 8.59
CA ASP A 245 -10.47 10.98 9.88
C ASP A 245 -11.70 11.88 10.01
N ASN A 246 -12.33 12.28 8.90
CA ASN A 246 -13.54 13.10 8.94
C ASN A 246 -14.38 12.78 7.71
N PRO A 247 -15.02 11.61 7.69
CA PRO A 247 -15.73 11.19 6.47
C PRO A 247 -16.98 12.01 6.22
N ASP A 248 -17.07 12.54 5.00
CA ASP A 248 -18.22 13.33 4.56
C ASP A 248 -19.30 12.35 4.08
N TYR A 249 -20.26 12.05 4.95
CA TYR A 249 -21.31 11.11 4.62
C TYR A 249 -22.35 11.68 3.66
N GLU A 250 -22.35 12.99 3.43
CA GLU A 250 -23.25 13.54 2.43
C GLU A 250 -22.76 13.25 1.02
N ARG A 251 -21.45 13.38 0.79
CA ARG A 251 -20.88 13.07 -0.51
C ARG A 251 -20.62 11.58 -0.69
N PHE A 252 -20.26 10.88 0.39
CA PHE A 252 -19.79 9.50 0.33
C PHE A 252 -20.67 8.62 1.23
N PRO A 253 -21.98 8.57 0.95
CA PRO A 253 -22.89 7.91 1.89
C PRO A 253 -22.56 6.45 2.14
N ASN A 254 -22.15 5.71 1.10
CA ASN A 254 -21.90 4.28 1.27
C ASN A 254 -20.63 3.99 2.06
N PHE A 255 -19.85 5.00 2.44
CA PHE A 255 -18.76 4.74 3.38
C PHE A 255 -19.29 4.25 4.72
N GLN A 256 -20.55 4.53 5.04
CA GLN A 256 -21.15 4.02 6.27
C GLN A 256 -21.35 2.51 6.23
N ASN A 257 -21.17 1.88 5.07
CA ASN A 257 -21.31 0.43 4.92
C ASN A 257 -19.98 -0.28 4.77
N VAL A 258 -18.87 0.44 4.91
CA VAL A 258 -17.55 -0.15 4.68
C VAL A 258 -17.16 -1.04 5.85
N VAL A 259 -16.63 -2.22 5.55
CA VAL A 259 -16.14 -3.15 6.56
CA VAL A 259 -16.14 -3.15 6.56
C VAL A 259 -14.75 -3.60 6.14
N GLY A 260 -13.80 -3.50 7.07
CA GLY A 260 -12.42 -3.81 6.76
C GLY A 260 -11.90 -5.12 7.32
N TYR A 261 -10.75 -5.55 6.78
CA TYR A 261 -9.98 -6.69 7.28
C TYR A 261 -8.67 -6.13 7.83
N GLU A 262 -8.41 -6.38 9.12
CA GLU A 262 -7.40 -5.65 9.86
C GLU A 262 -6.32 -6.58 10.40
N THR A 263 -5.10 -6.05 10.50
CA THR A 263 -4.01 -6.78 11.11
C THR A 263 -2.89 -5.80 11.44
N VAL A 264 -2.01 -6.21 12.33
CA VAL A 264 -0.77 -5.50 12.61
C VAL A 264 0.37 -6.45 12.27
N VAL A 265 1.24 -6.03 11.36
CA VAL A 265 2.39 -6.83 10.98
C VAL A 265 3.62 -6.28 11.70
N GLY A 266 4.48 -7.19 12.16
CA GLY A 266 5.73 -6.82 12.78
C GLY A 266 6.90 -7.45 12.05
N PRO A 267 8.11 -7.27 12.57
CA PRO A 267 9.29 -7.85 11.92
C PRO A 267 9.09 -9.35 11.66
N GLY A 268 9.30 -9.75 10.41
CA GLY A 268 9.20 -11.13 10.01
C GLY A 268 7.86 -11.52 9.42
N ASP A 269 6.84 -10.68 9.58
CA ASP A 269 5.55 -10.96 8.98
C ASP A 269 5.56 -10.56 7.50
N VAL A 270 4.78 -11.29 6.71
CA VAL A 270 4.55 -10.96 5.31
C VAL A 270 3.03 -10.97 5.10
N LEU A 271 2.50 -9.86 4.61
CA LEU A 271 1.07 -9.72 4.35
C LEU A 271 0.84 -9.82 2.85
N TYR A 272 0.01 -10.77 2.43
CA TYR A 272 -0.38 -10.86 1.04
C TYR A 272 -1.50 -9.87 0.78
N ILE A 273 -1.21 -8.81 0.04
CA ILE A 273 -2.22 -7.85 -0.38
C ILE A 273 -2.62 -8.20 -1.81
N PRO A 274 -3.78 -8.85 -2.04
CA PRO A 274 -4.12 -9.24 -3.40
C PRO A 274 -4.37 -8.03 -4.28
N MET A 275 -4.16 -8.21 -5.58
CA MET A 275 -4.35 -7.11 -6.52
C MET A 275 -5.78 -6.60 -6.44
N TYR A 276 -5.92 -5.28 -6.52
CA TYR A 276 -7.19 -4.54 -6.48
C TYR A 276 -7.80 -4.47 -5.09
N TRP A 277 -7.21 -5.09 -4.07
CA TRP A 277 -7.73 -4.93 -2.72
C TRP A 277 -7.29 -3.59 -2.15
N TRP A 278 -8.27 -2.81 -1.68
CA TRP A 278 -7.97 -1.59 -0.96
C TRP A 278 -7.12 -1.91 0.26
N HIS A 279 -6.21 -1.01 0.59
CA HIS A 279 -5.48 -1.12 1.84
C HIS A 279 -5.14 0.26 2.38
N HIS A 280 -5.29 0.40 3.69
CA HIS A 280 -4.91 1.57 4.47
C HIS A 280 -3.81 1.11 5.41
N ILE A 281 -2.64 1.76 5.34
CA ILE A 281 -1.45 1.33 6.06
C ILE A 281 -0.97 2.47 6.95
N GLU A 282 -0.78 2.19 8.24
CA GLU A 282 -0.31 3.22 9.17
C GLU A 282 0.78 2.66 10.08
N SER A 283 1.87 3.41 10.22
CA SER A 283 2.91 3.07 11.19
C SER A 283 2.41 3.43 12.58
N LEU A 284 2.46 2.46 13.50
CA LEU A 284 1.83 2.63 14.80
C LEU A 284 2.30 3.89 15.50
N LEU A 285 1.39 4.50 16.25
CA LEU A 285 1.73 5.68 17.04
C LEU A 285 2.78 5.33 18.08
N ASN A 286 3.77 6.22 18.22
CA ASN A 286 4.81 6.08 19.24
C ASN A 286 5.52 4.73 19.12
N GLY A 287 5.57 4.17 17.92
CA GLY A 287 6.20 2.90 17.68
C GLY A 287 7.59 2.97 17.09
N GLY A 288 8.14 4.18 16.93
CA GLY A 288 9.43 4.32 16.30
C GLY A 288 9.32 4.27 14.79
N ILE A 289 10.46 4.22 14.13
CA ILE A 289 10.47 4.17 12.68
C ILE A 289 10.08 2.78 12.22
N THR A 290 9.48 2.70 11.04
CA THR A 290 9.10 1.44 10.43
C THR A 290 9.90 1.22 9.16
N ILE A 291 10.19 -0.04 8.88
CA ILE A 291 10.87 -0.40 7.64
C ILE A 291 10.09 -1.54 6.99
N THR A 292 9.83 -1.41 5.70
CA THR A 292 9.14 -2.43 4.94
C THR A 292 9.80 -2.55 3.57
N VAL A 293 9.79 -3.76 3.03
CA VAL A 293 10.08 -4.01 1.63
C VAL A 293 8.90 -4.78 1.07
N ASN A 294 8.32 -4.26 -0.02
CA ASN A 294 7.23 -4.95 -0.69
C ASN A 294 7.75 -5.66 -1.95
N PHE A 295 6.90 -6.51 -2.50
CA PHE A 295 7.22 -7.34 -3.66
C PHE A 295 6.02 -7.26 -4.61
N TRP A 296 6.16 -6.53 -5.70
CA TRP A 296 5.05 -6.33 -6.63
C TRP A 296 5.21 -7.22 -7.87
N TYR A 297 4.18 -8.00 -8.17
CA TYR A 297 4.14 -8.87 -9.32
C TYR A 297 2.93 -8.52 -10.19
N LYS A 298 3.13 -8.53 -11.51
CA LYS A 298 1.99 -8.44 -12.41
C LYS A 298 1.09 -9.65 -12.20
N GLY A 299 -0.22 -9.43 -12.28
CA GLY A 299 -1.16 -10.51 -12.11
C GLY A 299 -1.11 -11.50 -13.27
N ALA A 300 -1.73 -12.65 -13.04
CA ALA A 300 -1.83 -13.65 -14.09
C ALA A 300 -2.56 -13.05 -15.30
N PRO A 301 -2.30 -13.55 -16.50
CA PRO A 301 -3.03 -13.04 -17.68
C PRO A 301 -4.52 -13.35 -17.59
N THR A 302 -5.32 -12.50 -18.23
CA THR A 302 -6.76 -12.73 -18.25
C THR A 302 -7.06 -13.94 -19.13
N PRO A 303 -7.87 -14.89 -18.66
CA PRO A 303 -8.08 -16.12 -19.44
C PRO A 303 -8.82 -15.83 -20.75
N LYS A 304 -8.56 -16.68 -21.74
CA LYS A 304 -9.18 -16.49 -23.05
C LYS A 304 -10.70 -16.63 -22.97
N ARG A 305 -11.18 -17.66 -22.28
CA ARG A 305 -12.60 -17.87 -22.07
C ARG A 305 -12.99 -17.20 -20.75
N ILE A 306 -13.81 -16.16 -20.83
CA ILE A 306 -14.25 -15.43 -19.65
C ILE A 306 -15.36 -16.21 -18.99
N GLU A 307 -15.17 -16.55 -17.71
CA GLU A 307 -16.16 -17.30 -16.95
C GLU A 307 -17.05 -16.33 -16.18
N TYR A 308 -18.35 -16.36 -16.47
CA TYR A 308 -19.31 -15.54 -15.72
C TYR A 308 -19.88 -16.36 -14.56
N PRO A 309 -20.24 -15.70 -13.45
CA PRO A 309 -20.23 -14.24 -13.26
C PRO A 309 -18.84 -13.67 -13.05
N LEU A 310 -18.66 -12.40 -13.42
CA LEU A 310 -17.36 -11.77 -13.31
C LEU A 310 -17.00 -11.54 -11.84
N LYS A 311 -15.71 -11.60 -11.54
CA LYS A 311 -15.24 -11.21 -10.22
C LYS A 311 -15.32 -9.69 -10.07
N ALA A 312 -15.34 -9.25 -8.80
CA ALA A 312 -15.42 -7.82 -8.53
C ALA A 312 -14.27 -7.05 -9.18
N HIS A 313 -13.04 -7.56 -9.09
CA HIS A 313 -11.91 -6.82 -9.63
C HIS A 313 -11.98 -6.72 -11.16
N GLN A 314 -12.66 -7.66 -11.81
CA GLN A 314 -12.86 -7.54 -13.25
C GLN A 314 -13.80 -6.39 -13.60
N LYS A 315 -14.85 -6.19 -12.79
CA LYS A 315 -15.73 -5.04 -13.00
C LYS A 315 -14.99 -3.74 -12.75
N VAL A 316 -14.10 -3.70 -11.75
CA VAL A 316 -13.29 -2.51 -11.55
C VAL A 316 -12.46 -2.23 -12.80
N ALA A 317 -11.85 -3.28 -13.36
CA ALA A 317 -11.04 -3.12 -14.57
C ALA A 317 -11.87 -2.59 -15.72
N ILE A 318 -13.12 -3.06 -15.85
CA ILE A 318 -14.00 -2.56 -16.90
C ILE A 318 -14.26 -1.07 -16.69
N MET A 319 -14.60 -0.68 -15.47
CA MET A 319 -14.88 0.73 -15.20
C MET A 319 -13.67 1.60 -15.51
N ARG A 320 -12.47 1.16 -15.13
CA ARG A 320 -11.26 1.90 -15.47
C ARG A 320 -11.13 2.05 -16.98
N ASN A 321 -11.33 0.96 -17.73
CA ASN A 321 -11.17 1.01 -19.18
C ASN A 321 -12.15 1.99 -19.82
N ILE A 322 -13.40 2.00 -19.34
CA ILE A 322 -14.39 2.94 -19.86
C ILE A 322 -13.92 4.37 -19.66
N GLU A 323 -13.50 4.71 -18.44
CA GLU A 323 -13.02 6.05 -18.16
C GLU A 323 -11.83 6.41 -19.05
N LYS A 324 -10.88 5.48 -19.21
CA LYS A 324 -9.74 5.74 -20.08
C LYS A 324 -10.17 5.99 -21.52
N MET A 325 -10.97 5.09 -22.09
CA MET A 325 -11.36 5.23 -23.48
C MET A 325 -12.16 6.50 -23.70
N LEU A 326 -13.04 6.84 -22.76
CA LEU A 326 -13.83 8.05 -22.88
C LEU A 326 -12.96 9.30 -22.88
N GLY A 327 -11.85 9.27 -22.13
CA GLY A 327 -10.92 10.38 -22.16
C GLY A 327 -10.20 10.49 -23.48
N GLU A 328 -9.81 9.35 -24.06
CA GLU A 328 -9.18 9.37 -25.37
C GLU A 328 -10.16 9.84 -26.43
N ALA A 329 -11.37 9.29 -26.43
CA ALA A 329 -12.32 9.58 -27.50
C ALA A 329 -12.77 11.04 -27.46
N LEU A 330 -13.04 11.56 -26.27
CA LEU A 330 -13.49 12.95 -26.15
C LEU A 330 -12.38 13.94 -26.40
N GLY A 331 -11.12 13.52 -26.29
CA GLY A 331 -10.00 14.40 -26.46
C GLY A 331 -9.67 15.25 -25.25
N ASN A 332 -10.31 15.00 -24.11
CA ASN A 332 -10.05 15.77 -22.90
C ASN A 332 -10.61 15.01 -21.70
N PRO A 333 -9.79 14.66 -20.71
CA PRO A 333 -10.33 13.93 -19.55
C PRO A 333 -11.33 14.73 -18.74
N GLN A 334 -11.32 16.07 -18.84
CA GLN A 334 -12.26 16.87 -18.08
C GLN A 334 -13.70 16.65 -18.55
N GLU A 335 -13.89 16.24 -19.80
CA GLU A 335 -15.22 16.02 -20.34
C GLU A 335 -15.79 14.65 -19.99
N VAL A 336 -15.02 13.80 -19.31
CA VAL A 336 -15.49 12.45 -19.01
C VAL A 336 -16.71 12.49 -18.11
N GLY A 337 -16.66 13.31 -17.06
CA GLY A 337 -17.74 13.38 -16.09
C GLY A 337 -19.05 13.86 -16.67
N PRO A 338 -19.03 15.00 -17.37
CA PRO A 338 -20.27 15.48 -18.01
C PRO A 338 -20.92 14.45 -18.92
N LEU A 339 -20.15 13.80 -19.80
CA LEU A 339 -20.74 12.82 -20.70
CA LEU A 339 -20.74 12.82 -20.70
C LEU A 339 -21.34 11.66 -19.92
N LEU A 340 -20.62 11.16 -18.91
CA LEU A 340 -21.14 10.04 -18.13
C LEU A 340 -22.44 10.43 -17.45
N ASN A 341 -22.52 11.64 -16.89
CA ASN A 341 -23.78 12.11 -16.32
C ASN A 341 -24.88 12.15 -17.37
N THR A 342 -24.58 12.74 -18.53
CA THR A 342 -25.58 12.80 -19.61
C THR A 342 -26.08 11.40 -19.97
N MET A 343 -25.20 10.40 -19.91
CA MET A 343 -25.58 9.05 -20.30
CA MET A 343 -25.58 9.05 -20.30
C MET A 343 -26.61 8.45 -19.34
N ILE A 344 -26.55 8.83 -18.06
CA ILE A 344 -27.31 8.15 -17.03
C ILE A 344 -28.51 8.94 -16.53
N LYS A 345 -28.43 10.26 -16.48
CA LYS A 345 -29.51 11.03 -15.88
C LYS A 345 -30.81 10.74 -16.61
N GLY A 346 -31.78 10.21 -15.87
CA GLY A 346 -33.09 9.91 -16.43
C GLY A 346 -33.13 8.70 -17.33
N ARG A 347 -32.04 7.95 -17.43
CA ARG A 347 -31.96 6.79 -18.31
C ARG A 347 -31.58 5.51 -17.57
N TYR A 348 -30.63 5.59 -16.64
CA TYR A 348 -30.21 4.43 -15.88
C TYR A 348 -30.29 4.64 -14.37
N ASN A 349 -30.70 5.82 -13.91
CA ASN A 349 -30.93 6.05 -12.49
C ASN A 349 -32.40 6.39 -12.22
#